data_3EO7
#
_entry.id   3EO7
#
_cell.length_a   93.880
_cell.length_b   93.880
_cell.length_c   144.950
_cell.angle_alpha   90.00
_cell.angle_beta   90.00
_cell.angle_gamma   120.00
#
_symmetry.space_group_name_H-M   'P 31 2 1'
#
loop_
_entity.id
_entity.type
_entity.pdbx_description
1 polymer 'Putative Nitroreductase'
2 non-polymer 'FLAVIN MONONUCLEOTIDE'
3 non-polymer 'CALCIUM ION'
4 non-polymer 'CHLORIDE ION'
5 non-polymer 'ACETATE ION'
6 non-polymer R-1,2-PROPANEDIOL
7 water water
#
_entity_poly.entity_id   1
_entity_poly.type   'polypeptide(L)'
_entity_poly.pdbx_seq_one_letter_code
;G(MSE)PEIHQSIAQHYHERTKYDPETIASKSQRLDWAKQPVPFKEYKIGSAIDLKPYLQETPEVFVNDTNGQWWQRLSR
LLFRSYGLTAR(MSE)PS(MSE)GNTVYLRAAPSAGGLYPAEVYVVSRGTPLLSPGLYNYQCRTHSLIHYWESDVWQSLQ
EACFWHPALESTQLAIIVTAVFYRSAWRYEDRAYRRICLDTGHLLGNIELSAAITDYRPHLIGGFIDEAVNDLLYIDPLQ
EGAIAVLPLADLLDIQQNISPGCTALPSATETNYPQVPDGELLKYFHHHTQISASITGKLNLPTVIQEKSLEDKYNFPFC
LKISTVSAPIYWGENLSDLEIT(MSE)HKRRSTRAYNGEELTFDELKALLDFTYQPQNYIDQSLDNSPDYFDLNLIETFI
AVCGVQGLEAGCYYYAPKAQELRQIRFKNFRRELHFLCLGQELGRDAAAVIFHTSDLKSAIAQYGDRVYRYLH(MSE)DA
GHLGQRLNLAAIQLNLGVSGIGGFFDDQVNEVLGIPNDEAVIYITTLGRPR
;
_entity_poly.pdbx_strand_id   A
#
loop_
_chem_comp.id
_chem_comp.type
_chem_comp.name
_chem_comp.formula
ACT non-polymer 'ACETATE ION' 'C2 H3 O2 -1'
CA non-polymer 'CALCIUM ION' 'Ca 2'
CL non-polymer 'CHLORIDE ION' 'Cl -1'
FMN non-polymer 'FLAVIN MONONUCLEOTIDE' 'C17 H21 N4 O9 P'
PGR non-polymer R-1,2-PROPANEDIOL 'C3 H8 O2'
#
# COMPACT_ATOMS: atom_id res chain seq x y z
N HIS A 6 21.90 -20.54 -3.78
CA HIS A 6 20.57 -21.15 -3.44
C HIS A 6 19.56 -20.05 -3.15
N GLN A 7 18.34 -20.24 -3.62
CA GLN A 7 17.27 -19.27 -3.42
C GLN A 7 16.96 -19.15 -1.91
N SER A 8 16.54 -17.98 -1.48
CA SER A 8 16.08 -17.82 -0.12
C SER A 8 14.56 -17.98 -0.15
N ILE A 9 13.96 -18.01 1.05
CA ILE A 9 12.53 -18.30 1.17
C ILE A 9 11.65 -17.27 0.44
N ALA A 10 12.04 -15.99 0.41
CA ALA A 10 11.23 -14.99 -0.32
C ALA A 10 11.21 -15.27 -1.85
N GLN A 11 12.35 -15.69 -2.40
CA GLN A 11 12.41 -16.08 -3.82
C GLN A 11 11.54 -17.32 -4.10
N HIS A 12 11.58 -18.28 -3.18
CA HIS A 12 10.79 -19.52 -3.31
C HIS A 12 9.29 -19.17 -3.24
N TYR A 13 8.93 -18.38 -2.24
CA TYR A 13 7.56 -17.90 -2.07
C TYR A 13 7.09 -17.24 -3.39
N HIS A 14 7.91 -16.34 -3.92
CA HIS A 14 7.55 -15.62 -5.15
C HIS A 14 7.32 -16.60 -6.31
N GLU A 15 8.26 -17.52 -6.49
CA GLU A 15 8.16 -18.50 -7.55
C GLU A 15 6.88 -19.33 -7.43
N ARG A 16 6.60 -19.80 -6.22
CA ARG A 16 5.41 -20.60 -5.95
C ARG A 16 4.06 -19.91 -6.10
N THR A 17 4.07 -18.60 -6.17
CA THR A 17 2.84 -17.83 -6.22
C THR A 17 2.59 -17.10 -7.55
N LYS A 18 3.47 -17.36 -8.51
CA LYS A 18 3.31 -16.80 -9.86
C LYS A 18 2.10 -17.50 -10.49
N TYR A 19 1.58 -16.90 -11.56
CA TYR A 19 0.63 -17.60 -12.42
C TYR A 19 1.40 -17.96 -13.68
N ASP A 20 1.15 -19.16 -14.17
CA ASP A 20 1.78 -19.72 -15.35
C ASP A 20 0.68 -20.09 -16.36
N PRO A 21 0.80 -19.57 -17.60
CA PRO A 21 -0.27 -19.89 -18.53
C PRO A 21 -0.42 -21.39 -18.74
N GLU A 22 0.66 -22.15 -18.57
CA GLU A 22 0.57 -23.61 -18.78
C GLU A 22 -0.21 -24.34 -17.70
N THR A 23 -0.34 -23.72 -16.53
CA THR A 23 -1.01 -24.38 -15.41
C THR A 23 -2.21 -23.67 -14.82
N ILE A 24 -2.50 -22.46 -15.27
CA ILE A 24 -3.58 -21.70 -14.65
C ILE A 24 -4.95 -22.42 -14.75
N ALA A 25 -5.19 -23.10 -15.87
CA ALA A 25 -6.44 -23.86 -16.07
C ALA A 25 -6.56 -25.05 -15.10
N SER A 26 -5.44 -25.68 -14.77
CA SER A 26 -5.43 -26.84 -13.89
C SER A 26 -5.69 -26.51 -12.40
N LYS A 27 -5.68 -25.21 -12.04
CA LYS A 27 -5.93 -24.77 -10.66
C LYS A 27 -7.41 -24.46 -10.46
N ARG A 30 -12.35 -24.13 -5.90
CA ARG A 30 -13.60 -23.90 -5.19
C ARG A 30 -13.50 -23.20 -3.82
N LEU A 31 -14.12 -22.03 -3.73
CA LEU A 31 -14.15 -21.24 -2.51
C LEU A 31 -15.09 -21.88 -1.51
N ASP A 32 -14.70 -21.82 -0.26
CA ASP A 32 -15.52 -22.35 0.82
C ASP A 32 -16.40 -21.20 1.31
N TRP A 33 -17.52 -20.98 0.63
CA TRP A 33 -18.44 -19.90 1.04
C TRP A 33 -18.89 -20.04 2.51
N ALA A 34 -19.16 -21.25 2.97
CA ALA A 34 -19.53 -21.45 4.38
C ALA A 34 -18.54 -20.70 5.28
N LYS A 35 -17.32 -20.51 4.76
CA LYS A 35 -16.27 -19.84 5.47
C LYS A 35 -15.87 -18.43 4.99
N GLN A 36 -16.61 -17.78 4.07
N GLN A 36 -16.66 -17.79 4.13
CA GLN A 36 -16.18 -16.43 3.62
CA GLN A 36 -16.34 -16.44 3.67
C GLN A 36 -16.13 -15.57 4.86
C GLN A 36 -16.18 -15.55 4.89
N PRO A 37 -14.98 -14.96 5.07
CA PRO A 37 -14.80 -14.15 6.26
C PRO A 37 -15.63 -12.87 6.30
N VAL A 38 -15.92 -12.45 7.52
CA VAL A 38 -16.53 -11.16 7.81
C VAL A 38 -15.29 -10.29 8.09
N PRO A 39 -15.09 -9.24 7.29
CA PRO A 39 -13.83 -8.49 7.37
C PRO A 39 -13.84 -7.38 8.42
N PHE A 40 -14.33 -7.69 9.61
CA PHE A 40 -14.33 -6.75 10.71
C PHE A 40 -14.05 -7.57 11.97
N LYS A 41 -13.45 -6.96 12.99
CA LYS A 41 -13.24 -7.63 14.27
C LYS A 41 -14.31 -7.24 15.28
N GLU A 42 -14.72 -8.23 16.09
CA GLU A 42 -15.70 -8.01 17.16
C GLU A 42 -15.02 -7.98 18.51
N TYR A 43 -15.44 -7.06 19.36
CA TYR A 43 -14.93 -6.97 20.73
C TYR A 43 -16.10 -7.07 21.70
N LYS A 44 -15.97 -7.96 22.66
CA LYS A 44 -17.05 -8.16 23.63
C LYS A 44 -16.74 -7.29 24.85
N ILE A 45 -15.49 -6.86 24.99
CA ILE A 45 -15.10 -6.08 26.15
C ILE A 45 -14.35 -4.81 25.74
N GLY A 46 -14.79 -3.68 26.26
CA GLY A 46 -14.13 -2.40 25.99
C GLY A 46 -15.12 -1.29 25.75
N SER A 47 -14.63 -0.07 25.89
CA SER A 47 -15.44 1.13 25.67
C SER A 47 -15.37 1.55 24.22
N ALA A 48 -16.51 1.87 23.64
CA ALA A 48 -16.54 2.34 22.26
C ALA A 48 -16.52 3.87 22.25
N ILE A 49 -15.63 4.47 21.47
CA ILE A 49 -15.57 5.91 21.30
C ILE A 49 -16.14 6.22 19.91
N ASP A 50 -17.28 6.89 19.87
CA ASP A 50 -17.91 7.22 18.60
C ASP A 50 -17.23 8.40 17.97
N LEU A 51 -16.70 8.22 16.77
CA LEU A 51 -15.99 9.30 16.08
C LEU A 51 -16.87 10.08 15.11
N LYS A 52 -18.07 9.59 14.87
CA LYS A 52 -18.96 10.25 13.91
C LYS A 52 -19.33 11.70 14.23
N PRO A 53 -19.59 12.03 15.50
CA PRO A 53 -19.89 13.45 15.82
C PRO A 53 -18.81 14.45 15.41
N TYR A 54 -17.60 13.97 15.17
CA TYR A 54 -16.48 14.86 14.81
C TYR A 54 -16.14 14.85 13.34
N LEU A 55 -16.89 14.08 12.56
CA LEU A 55 -16.68 13.97 11.11
C LEU A 55 -17.75 14.92 10.54
N GLN A 56 -17.49 16.23 10.56
CA GLN A 56 -18.57 17.17 10.26
C GLN A 56 -18.23 18.46 9.48
N GLU A 57 -18.78 19.59 9.99
CA GLU A 57 -18.65 20.94 9.39
C GLU A 57 -18.20 21.96 10.48
N THR A 58 -19.04 22.96 10.76
CA THR A 58 -18.73 24.02 11.74
C THR A 58 -20.02 24.74 12.17
N PRO A 59 -20.03 25.35 13.38
CA PRO A 59 -18.96 25.38 14.38
C PRO A 59 -18.93 24.11 15.24
N ASP A 65 -13.87 24.68 20.44
CA ASP A 65 -13.43 23.78 21.50
C ASP A 65 -12.18 23.05 21.01
N THR A 66 -11.07 23.24 21.73
CA THR A 66 -9.81 22.65 21.34
C THR A 66 -9.84 21.12 21.45
N ASN A 67 -10.54 20.59 22.45
CA ASN A 67 -10.64 19.13 22.57
C ASN A 67 -11.43 18.55 21.40
N GLY A 68 -12.52 19.22 21.02
CA GLY A 68 -13.30 18.79 19.85
C GLY A 68 -12.50 18.89 18.56
N GLN A 69 -11.67 19.96 18.44
CA GLN A 69 -10.83 20.12 17.26
C GLN A 69 -9.86 18.94 17.18
N TRP A 70 -9.37 18.46 18.32
CA TRP A 70 -8.45 17.34 18.29
C TRP A 70 -9.17 16.07 17.82
N TRP A 71 -10.33 15.79 18.40
CA TRP A 71 -11.10 14.60 18.01
C TRP A 71 -11.48 14.66 16.54
N GLN A 72 -11.81 15.84 16.01
CA GLN A 72 -12.13 16.00 14.57
C GLN A 72 -10.95 15.56 13.70
N ARG A 73 -9.75 15.91 14.10
CA ARG A 73 -8.56 15.53 13.34
C ARG A 73 -8.38 14.01 13.36
N LEU A 74 -8.51 13.36 14.52
CA LEU A 74 -8.36 11.89 14.58
C LEU A 74 -9.47 11.19 13.79
N SER A 75 -10.69 11.69 13.93
CA SER A 75 -11.86 11.12 13.25
C SER A 75 -11.68 11.18 11.74
N ARG A 76 -11.28 12.34 11.26
CA ARG A 76 -11.05 12.55 9.84
C ARG A 76 -9.87 11.75 9.29
N LEU A 77 -8.77 11.69 10.06
CA LEU A 77 -7.61 10.92 9.67
C LEU A 77 -8.00 9.45 9.45
N LEU A 78 -8.76 8.91 10.39
CA LEU A 78 -9.13 7.49 10.30
C LEU A 78 -10.13 7.26 9.18
N PHE A 79 -11.11 8.15 9.08
CA PHE A 79 -12.16 7.97 8.06
C PHE A 79 -11.65 8.05 6.64
N ARG A 80 -10.76 9.00 6.39
CA ARG A 80 -10.22 9.18 5.05
C ARG A 80 -9.23 8.04 4.75
N SER A 81 -8.68 7.41 5.80
CA SER A 81 -7.73 6.31 5.63
C SER A 81 -8.39 4.96 5.32
N TYR A 82 -9.42 4.60 6.10
CA TYR A 82 -9.98 3.25 6.01
C TYR A 82 -11.46 3.18 6.31
N GLY A 83 -12.14 4.31 6.10
CA GLY A 83 -13.56 4.37 6.35
C GLY A 83 -14.33 3.69 5.24
N LEU A 84 -15.60 3.39 5.55
CA LEU A 84 -16.51 2.84 4.53
C LEU A 84 -17.00 3.96 3.61
N THR A 85 -16.82 3.82 2.29
CA THR A 85 -17.22 4.89 1.35
C THR A 85 -18.24 4.48 0.29
N ALA A 86 -18.60 3.19 0.24
CA ALA A 86 -19.65 2.72 -0.69
C ALA A 86 -20.18 1.38 -0.25
N ARG A 87 -21.27 0.98 -0.88
CA ARG A 87 -21.78 -0.34 -0.61
C ARG A 87 -22.19 -0.99 -1.93
N MSE A 88 -22.05 -2.32 -2.00
N MSE A 88 -22.09 -2.31 -1.94
CA MSE A 88 -22.34 -3.13 -3.19
CA MSE A 88 -22.46 -3.12 -3.08
C MSE A 88 -23.12 -4.37 -2.78
C MSE A 88 -23.40 -4.21 -2.60
O MSE A 88 -22.70 -5.04 -1.82
O MSE A 88 -23.42 -4.56 -1.42
CB MSE A 88 -21.02 -3.61 -3.82
CB MSE A 88 -21.26 -3.87 -3.62
CG MSE A 88 -20.54 -3.02 -5.15
CG MSE A 88 -20.27 -3.13 -4.43
SE MSE A 88 -21.20 -1.29 -5.71
SE MSE A 88 -19.05 -4.51 -5.06
CE MSE A 88 -19.61 -0.70 -6.67
CE MSE A 88 -18.04 -3.36 -6.28
N PRO A 89 -24.20 -4.74 -3.54
CA PRO A 89 -25.01 -5.90 -3.21
C PRO A 89 -24.19 -7.14 -3.58
N SER A 90 -24.33 -8.22 -2.81
CA SER A 90 -23.59 -9.44 -3.15
C SER A 90 -24.19 -10.65 -2.45
N MSE A 91 -24.63 -11.64 -3.22
CA MSE A 91 -25.23 -12.88 -2.68
C MSE A 91 -26.07 -12.64 -1.45
O MSE A 91 -25.76 -13.11 -0.35
CB MSE A 91 -24.15 -13.93 -2.43
CG MSE A 91 -24.65 -15.38 -2.22
SE MSE A 91 -25.46 -16.26 -3.81
CE MSE A 91 -27.23 -15.85 -3.44
N GLY A 92 -27.16 -11.92 -1.65
CA GLY A 92 -28.13 -11.63 -0.61
C GLY A 92 -27.68 -10.74 0.53
N ASN A 93 -26.46 -10.20 0.43
CA ASN A 93 -25.85 -9.37 1.47
C ASN A 93 -25.20 -8.13 0.86
N THR A 94 -24.52 -7.36 1.71
CA THR A 94 -23.84 -6.13 1.28
C THR A 94 -22.35 -6.15 1.62
N VAL A 95 -21.53 -5.77 0.65
CA VAL A 95 -20.11 -5.63 0.83
C VAL A 95 -19.95 -4.13 0.99
N TYR A 96 -19.14 -3.72 1.94
CA TYR A 96 -18.88 -2.30 2.12
C TYR A 96 -17.51 -2.02 1.58
N LEU A 97 -17.45 -1.13 0.60
CA LEU A 97 -16.20 -0.69 0.03
C LEU A 97 -15.66 0.44 0.88
N ARG A 98 -14.34 0.58 0.81
CA ARG A 98 -13.62 1.46 1.70
C ARG A 98 -12.73 2.47 1.00
N ALA A 99 -12.18 3.36 1.82
CA ALA A 99 -11.26 4.38 1.35
C ALA A 99 -10.04 3.77 0.66
N ALA A 100 -9.60 2.60 1.15
CA ALA A 100 -8.50 1.88 0.54
C ALA A 100 -9.08 0.72 -0.31
N PRO A 101 -8.53 0.52 -1.53
CA PRO A 101 -8.91 -0.61 -2.38
C PRO A 101 -8.33 -1.88 -1.75
N SER A 102 -8.81 -3.04 -2.18
CA SER A 102 -8.31 -4.32 -1.67
C SER A 102 -8.57 -5.39 -2.69
N ALA A 103 -7.53 -6.19 -2.96
CA ALA A 103 -7.66 -7.33 -3.91
C ALA A 103 -8.84 -8.19 -3.47
N GLY A 104 -9.78 -8.41 -4.39
CA GLY A 104 -10.97 -9.20 -4.12
C GLY A 104 -11.99 -8.56 -3.20
N GLY A 105 -11.79 -7.31 -2.79
CA GLY A 105 -12.67 -6.68 -1.81
C GLY A 105 -12.67 -7.49 -0.51
N LEU A 106 -11.50 -7.93 -0.09
CA LEU A 106 -11.34 -8.82 1.07
C LEU A 106 -10.89 -8.17 2.38
N TYR A 107 -10.23 -7.02 2.29
CA TYR A 107 -9.85 -6.20 3.45
C TYR A 107 -9.07 -6.91 4.54
N PRO A 108 -7.91 -7.46 4.18
CA PRO A 108 -7.04 -8.12 5.18
C PRO A 108 -6.53 -7.16 6.27
N ALA A 109 -6.39 -5.87 5.96
CA ALA A 109 -5.81 -4.93 6.92
C ALA A 109 -6.75 -4.56 8.05
N GLU A 110 -6.18 -4.44 9.25
CA GLU A 110 -6.87 -3.95 10.44
C GLU A 110 -6.05 -2.79 10.97
N VAL A 111 -6.76 -1.75 11.39
CA VAL A 111 -6.15 -0.55 11.93
C VAL A 111 -6.34 -0.48 13.42
N TYR A 112 -5.23 -0.30 14.12
CA TYR A 112 -5.23 -0.08 15.55
C TYR A 112 -4.63 1.27 15.88
N VAL A 113 -5.08 1.86 16.99
CA VAL A 113 -4.45 3.05 17.52
C VAL A 113 -3.92 2.70 18.91
N VAL A 114 -2.66 3.06 19.12
CA VAL A 114 -1.98 2.86 20.42
C VAL A 114 -1.81 4.24 21.04
N SER A 115 -2.28 4.39 22.28
CA SER A 115 -2.15 5.68 22.98
C SER A 115 -1.12 5.63 24.09
N ARG A 116 -0.26 6.62 24.10
CA ARG A 116 0.69 6.81 25.19
C ARG A 116 -0.02 7.27 26.47
N GLY A 117 -1.20 7.87 26.32
CA GLY A 117 -1.98 8.39 27.44
C GLY A 117 -1.85 9.89 27.44
N THR A 118 -2.91 10.57 27.02
CA THR A 118 -2.95 12.01 26.96
C THR A 118 -4.18 12.47 27.71
N PRO A 119 -4.33 13.79 27.93
CA PRO A 119 -5.52 14.24 28.64
C PRO A 119 -6.79 13.97 27.86
N LEU A 120 -6.69 13.78 26.54
CA LEU A 120 -7.88 13.44 25.75
C LEU A 120 -8.04 11.95 25.42
N LEU A 121 -6.92 11.23 25.28
CA LEU A 121 -6.94 9.82 24.84
C LEU A 121 -6.25 8.90 25.87
N SER A 122 -7.06 8.15 26.61
CA SER A 122 -6.58 7.23 27.63
C SER A 122 -5.53 6.30 27.05
N PRO A 123 -4.60 5.85 27.88
CA PRO A 123 -3.57 4.96 27.33
C PRO A 123 -4.11 3.61 26.94
N GLY A 124 -3.36 2.93 26.08
CA GLY A 124 -3.69 1.57 25.74
C GLY A 124 -3.98 1.32 24.28
N LEU A 125 -4.81 0.30 24.05
CA LEU A 125 -5.10 -0.22 22.74
C LEU A 125 -6.51 0.03 22.27
N TYR A 126 -6.61 0.48 21.03
CA TYR A 126 -7.88 0.77 20.38
C TYR A 126 -7.93 0.10 19.00
N ASN A 127 -9.06 -0.54 18.69
CA ASN A 127 -9.28 -1.09 17.37
C ASN A 127 -10.22 -0.15 16.61
N TYR A 128 -9.88 0.16 15.38
CA TYR A 128 -10.73 0.99 14.52
C TYR A 128 -11.86 0.14 13.90
N GLN A 129 -13.09 0.52 14.19
CA GLN A 129 -14.27 -0.17 13.70
C GLN A 129 -14.84 0.58 12.49
N CYS A 130 -14.54 0.08 11.30
CA CYS A 130 -15.00 0.64 10.04
C CYS A 130 -16.52 0.74 9.99
N ARG A 131 -17.21 -0.25 10.54
CA ARG A 131 -18.67 -0.30 10.44
C ARG A 131 -19.42 0.84 11.10
N THR A 132 -18.88 1.33 12.20
CA THR A 132 -19.53 2.36 12.98
C THR A 132 -18.69 3.64 13.07
N HIS A 133 -17.52 3.64 12.44
CA HIS A 133 -16.59 4.77 12.56
C HIS A 133 -16.40 5.10 14.07
N SER A 134 -15.92 4.09 14.78
N SER A 134 -15.88 4.10 14.77
CA SER A 134 -15.64 4.18 16.20
CA SER A 134 -15.63 4.19 16.18
C SER A 134 -14.33 3.49 16.51
C SER A 134 -14.32 3.51 16.50
N LEU A 135 -13.84 3.73 17.72
CA LEU A 135 -12.69 3.08 18.28
C LEU A 135 -13.17 2.26 19.48
N ILE A 136 -12.75 1.01 19.58
N ILE A 136 -12.76 1.00 19.56
CA ILE A 136 -13.05 0.22 20.76
CA ILE A 136 -13.04 0.18 20.74
C ILE A 136 -11.77 0.15 21.57
C ILE A 136 -11.76 0.19 21.56
N HIS A 137 -11.83 0.74 22.77
CA HIS A 137 -10.72 0.78 23.69
C HIS A 137 -10.75 -0.54 24.43
N TYR A 138 -10.01 -1.51 23.91
CA TYR A 138 -10.10 -2.84 24.48
C TYR A 138 -9.07 -3.15 25.52
N TRP A 139 -8.11 -2.27 25.74
CA TRP A 139 -7.10 -2.51 26.77
C TRP A 139 -6.62 -1.19 27.29
N GLU A 140 -6.81 -0.95 28.58
CA GLU A 140 -6.31 0.27 29.18
C GLU A 140 -5.17 -0.03 30.15
N SER A 141 -3.97 0.27 29.72
CA SER A 141 -2.76 0.16 30.52
C SER A 141 -1.69 0.94 29.78
N ASP A 142 -0.57 1.24 30.42
N ASP A 142 -0.58 1.17 30.45
CA ASP A 142 0.47 1.97 29.69
CA ASP A 142 0.55 1.83 29.84
C ASP A 142 1.37 0.98 28.98
C ASP A 142 1.20 0.77 28.97
N VAL A 143 1.20 0.96 27.65
CA VAL A 143 1.86 0.03 26.75
C VAL A 143 2.97 0.69 25.93
N TRP A 144 3.17 1.99 26.10
CA TRP A 144 4.11 2.72 25.22
C TRP A 144 5.54 2.18 25.29
N GLN A 145 6.05 1.97 26.49
CA GLN A 145 7.40 1.45 26.63
C GLN A 145 7.57 0.10 25.92
N SER A 146 6.57 -0.77 26.04
N SER A 146 6.58 -0.77 26.05
CA SER A 146 6.61 -2.07 25.35
CA SER A 146 6.63 -2.06 25.36
C SER A 146 6.68 -1.88 23.83
C SER A 146 6.72 -1.85 23.83
N LEU A 147 5.96 -0.87 23.32
CA LEU A 147 6.00 -0.57 21.89
C LEU A 147 7.38 -0.03 21.52
N GLN A 148 7.93 0.83 22.37
CA GLN A 148 9.27 1.33 22.14
C GLN A 148 10.29 0.19 22.09
N GLU A 149 10.25 -0.72 23.05
CA GLU A 149 11.21 -1.85 23.06
C GLU A 149 11.07 -2.72 21.79
N ALA A 150 9.82 -2.96 21.39
CA ALA A 150 9.51 -3.77 20.22
C ALA A 150 9.99 -3.11 18.94
N CYS A 151 10.10 -1.78 18.94
CA CYS A 151 10.62 -1.05 17.77
C CYS A 151 12.07 -0.55 17.94
N PHE A 152 12.83 -1.20 18.81
CA PHE A 152 14.23 -0.86 19.02
C PHE A 152 14.45 0.63 19.43
N TRP A 153 13.53 1.14 20.21
CA TRP A 153 13.58 2.53 20.71
C TRP A 153 13.70 3.53 19.57
N HIS A 154 12.90 3.33 18.54
CA HIS A 154 12.86 4.22 17.39
C HIS A 154 12.56 5.62 17.87
N PRO A 155 13.33 6.60 17.37
CA PRO A 155 13.12 7.96 17.92
C PRO A 155 11.75 8.57 17.68
N ALA A 156 11.05 8.14 16.65
CA ALA A 156 9.71 8.68 16.39
C ALA A 156 8.75 8.37 17.53
N LEU A 157 9.00 7.30 18.29
CA LEU A 157 8.16 6.98 19.45
C LEU A 157 8.42 7.83 20.68
N GLU A 158 9.57 8.43 20.75
CA GLU A 158 9.89 9.23 21.91
C GLU A 158 9.13 10.60 21.91
N SER A 159 8.90 11.16 20.73
CA SER A 159 8.28 12.47 20.53
C SER A 159 6.74 12.47 20.46
N THR A 160 6.21 11.32 20.13
CA THR A 160 4.79 11.17 19.83
C THR A 160 3.97 10.59 20.97
N GLN A 161 2.65 10.74 20.83
CA GLN A 161 1.67 10.35 21.83
C GLN A 161 0.68 9.27 21.38
N LEU A 162 0.66 8.99 20.09
CA LEU A 162 -0.16 7.93 19.56
C LEU A 162 0.47 7.36 18.29
N ALA A 163 0.09 6.16 17.97
CA ALA A 163 0.58 5.43 16.81
C ALA A 163 -0.54 4.60 16.24
N ILE A 164 -0.49 4.45 14.93
CA ILE A 164 -1.33 3.47 14.27
C ILE A 164 -0.46 2.22 14.11
N ILE A 165 -1.07 1.05 14.27
CA ILE A 165 -0.42 -0.17 13.88
C ILE A 165 -1.37 -0.82 12.89
N VAL A 166 -0.83 -1.27 11.77
CA VAL A 166 -1.60 -1.96 10.74
C VAL A 166 -1.21 -3.41 10.78
N THR A 167 -2.21 -4.26 10.96
CA THR A 167 -1.99 -5.69 10.92
C THR A 167 -2.74 -6.27 9.71
N ALA A 168 -2.45 -7.55 9.44
CA ALA A 168 -3.12 -8.33 8.38
C ALA A 168 -3.77 -9.54 9.04
N VAL A 169 -5.07 -9.76 8.76
CA VAL A 169 -5.82 -10.95 9.19
C VAL A 169 -5.73 -11.85 7.95
N PHE A 170 -4.83 -12.81 8.03
CA PHE A 170 -4.42 -13.57 6.84
C PHE A 170 -5.54 -14.23 6.07
N TYR A 171 -6.42 -14.90 6.79
CA TYR A 171 -7.48 -15.66 6.13
C TYR A 171 -8.43 -14.81 5.31
N ARG A 172 -8.57 -13.53 5.67
CA ARG A 172 -9.47 -12.67 4.91
C ARG A 172 -9.12 -12.70 3.40
N SER A 173 -7.82 -12.73 3.09
N SER A 173 -7.82 -12.75 3.09
CA SER A 173 -7.36 -12.80 1.70
CA SER A 173 -7.33 -12.76 1.70
C SER A 173 -7.11 -14.24 1.28
C SER A 173 -7.00 -14.20 1.25
N ALA A 174 -6.54 -15.06 2.17
CA ALA A 174 -6.19 -16.45 1.84
C ALA A 174 -7.42 -17.29 1.46
N TRP A 175 -8.56 -16.93 2.02
CA TRP A 175 -9.84 -17.57 1.71
C TRP A 175 -10.00 -17.62 0.19
N ARG A 176 -9.59 -16.55 -0.49
CA ARG A 176 -9.65 -16.52 -1.94
C ARG A 176 -8.35 -16.90 -2.64
N TYR A 177 -7.24 -16.33 -2.19
CA TYR A 177 -5.95 -16.43 -2.92
C TYR A 177 -4.99 -17.49 -2.43
N GLU A 178 -5.38 -18.18 -1.37
CA GLU A 178 -4.54 -19.22 -0.77
C GLU A 178 -3.16 -18.64 -0.53
N ASP A 179 -2.09 -19.36 -0.87
CA ASP A 179 -0.74 -18.85 -0.55
C ASP A 179 -0.38 -17.54 -1.26
N ARG A 180 -1.02 -17.28 -2.42
CA ARG A 180 -0.76 -16.02 -3.15
C ARG A 180 -1.25 -14.81 -2.38
N ALA A 181 -2.10 -15.04 -1.38
CA ALA A 181 -2.64 -13.95 -0.57
C ALA A 181 -1.57 -13.06 0.05
N TYR A 182 -0.38 -13.57 0.36
CA TYR A 182 0.62 -12.72 1.00
C TYR A 182 1.01 -11.51 0.13
N ARG A 183 1.11 -11.70 -1.20
CA ARG A 183 1.37 -10.58 -2.10
C ARG A 183 0.23 -9.56 -1.99
N ARG A 184 -1.00 -10.06 -2.10
CA ARG A 184 -2.19 -9.18 -2.10
C ARG A 184 -2.35 -8.45 -0.77
N ILE A 185 -2.11 -9.14 0.35
CA ILE A 185 -2.20 -8.53 1.66
C ILE A 185 -1.24 -7.35 1.77
N CYS A 186 -0.01 -7.54 1.33
CA CYS A 186 0.98 -6.46 1.45
C CYS A 186 0.66 -5.30 0.52
N LEU A 187 0.22 -5.59 -0.70
CA LEU A 187 -0.24 -4.54 -1.64
C LEU A 187 -1.40 -3.76 -1.04
N ASP A 188 -2.42 -4.48 -0.57
CA ASP A 188 -3.61 -3.86 0.06
C ASP A 188 -3.16 -2.91 1.20
N THR A 189 -2.25 -3.43 2.02
CA THR A 189 -1.75 -2.67 3.14
C THR A 189 -1.01 -1.43 2.65
N GLY A 190 -0.19 -1.55 1.59
CA GLY A 190 0.49 -0.39 1.03
C GLY A 190 -0.47 0.70 0.58
N HIS A 191 -1.60 0.31 0.00
CA HIS A 191 -2.62 1.28 -0.42
C HIS A 191 -3.13 2.05 0.81
N LEU A 192 -3.42 1.32 1.88
CA LEU A 192 -3.82 1.96 3.14
C LEU A 192 -2.75 2.91 3.68
N LEU A 193 -1.48 2.50 3.61
CA LEU A 193 -0.39 3.38 4.01
C LEU A 193 -0.37 4.67 3.21
N GLY A 194 -0.63 4.59 1.89
CA GLY A 194 -0.75 5.80 1.05
C GLY A 194 -1.89 6.69 1.57
N ASN A 195 -3.02 6.12 1.93
CA ASN A 195 -4.10 6.97 2.48
C ASN A 195 -3.70 7.59 3.82
N ILE A 196 -3.04 6.81 4.67
CA ILE A 196 -2.63 7.34 5.97
C ILE A 196 -1.74 8.57 5.81
N GLU A 197 -0.74 8.53 4.94
CA GLU A 197 0.08 9.72 4.77
C GLU A 197 -0.71 10.92 4.23
N LEU A 198 -1.62 10.68 3.28
CA LEU A 198 -2.40 11.79 2.71
C LEU A 198 -3.45 12.34 3.69
N SER A 199 -4.14 11.42 4.37
N SER A 199 -4.16 11.44 4.37
CA SER A 199 -5.12 11.75 5.41
CA SER A 199 -5.12 11.81 5.40
C SER A 199 -4.46 12.53 6.56
C SER A 199 -4.44 12.55 6.55
N ALA A 200 -3.23 12.12 6.89
CA ALA A 200 -2.43 12.78 7.93
C ALA A 200 -2.14 14.20 7.48
N ALA A 201 -1.69 14.40 6.23
CA ALA A 201 -1.39 15.74 5.74
C ALA A 201 -2.61 16.66 5.92
N ILE A 202 -3.77 16.13 5.57
CA ILE A 202 -5.05 16.86 5.64
C ILE A 202 -5.34 17.33 7.06
N THR A 203 -4.93 16.53 8.04
CA THR A 203 -5.17 16.78 9.46
C THR A 203 -3.93 17.23 10.26
N ASP A 204 -2.93 17.76 9.57
CA ASP A 204 -1.71 18.27 10.20
C ASP A 204 -0.94 17.27 11.05
N TYR A 205 -0.93 16.03 10.58
CA TYR A 205 -0.17 14.93 11.17
C TYR A 205 0.83 14.46 10.14
N ARG A 206 1.89 13.81 10.63
CA ARG A 206 2.85 13.11 9.77
C ARG A 206 3.09 11.73 10.38
N PRO A 207 2.84 10.68 9.61
CA PRO A 207 3.15 9.34 10.12
C PRO A 207 4.63 9.07 9.89
N HIS A 208 5.24 8.35 10.80
CA HIS A 208 6.60 7.88 10.71
C HIS A 208 6.53 6.38 10.56
N LEU A 209 6.92 5.91 9.38
CA LEU A 209 6.79 4.51 9.05
C LEU A 209 7.88 3.67 9.70
N ILE A 210 7.45 2.63 10.41
CA ILE A 210 8.34 1.70 11.08
C ILE A 210 8.03 0.26 10.61
N GLY A 211 8.85 -0.24 9.70
CA GLY A 211 8.74 -1.60 9.23
C GLY A 211 9.61 -2.58 9.98
N GLY A 212 10.63 -2.06 10.65
CA GLY A 212 11.58 -2.80 11.46
C GLY A 212 11.19 -2.87 12.92
N PHE A 213 10.61 -4.01 13.29
CA PHE A 213 10.16 -4.21 14.67
C PHE A 213 10.14 -5.72 14.95
N ILE A 214 10.10 -6.06 16.24
CA ILE A 214 10.06 -7.43 16.73
C ILE A 214 8.62 -7.90 16.63
N ASP A 215 8.34 -8.66 15.58
CA ASP A 215 6.95 -9.11 15.32
C ASP A 215 6.30 -9.74 16.53
N GLU A 216 7.02 -10.66 17.17
CA GLU A 216 6.51 -11.35 18.35
C GLU A 216 6.00 -10.35 19.41
N ALA A 217 6.80 -9.31 19.65
CA ALA A 217 6.52 -8.30 20.66
C ALA A 217 5.35 -7.42 20.31
N VAL A 218 5.28 -7.01 19.05
CA VAL A 218 4.18 -6.16 18.63
C VAL A 218 2.89 -6.96 18.66
N ASN A 219 2.93 -8.19 18.19
CA ASN A 219 1.71 -9.02 18.15
C ASN A 219 1.27 -9.34 19.57
N ASP A 220 2.21 -9.58 20.47
CA ASP A 220 1.87 -9.79 21.87
C ASP A 220 1.22 -8.55 22.48
N LEU A 221 1.81 -7.39 22.18
CA LEU A 221 1.36 -6.07 22.70
C LEU A 221 -0.09 -5.80 22.33
N LEU A 222 -0.46 -6.13 21.09
CA LEU A 222 -1.83 -5.99 20.60
C LEU A 222 -2.82 -7.06 21.08
N TYR A 223 -2.26 -8.14 21.61
N TYR A 223 -2.29 -8.14 21.65
CA TYR A 223 -3.00 -9.31 22.11
CA TYR A 223 -3.08 -9.30 22.12
C TYR A 223 -3.78 -10.03 21.01
C TYR A 223 -3.83 -9.96 20.96
N ILE A 224 -3.10 -10.21 19.88
CA ILE A 224 -3.67 -10.89 18.72
C ILE A 224 -3.03 -12.27 18.54
N ASP A 225 -3.75 -13.17 17.89
CA ASP A 225 -3.27 -14.52 17.63
C ASP A 225 -2.35 -14.46 16.43
N PRO A 226 -1.03 -14.70 16.61
CA PRO A 226 -0.15 -14.56 15.47
C PRO A 226 -0.26 -15.59 14.34
N LEU A 227 -1.02 -16.65 14.54
CA LEU A 227 -1.31 -17.56 13.44
C LEU A 227 -2.43 -17.00 12.58
N GLN A 228 -3.23 -16.06 13.12
CA GLN A 228 -4.35 -15.50 12.38
C GLN A 228 -4.12 -14.06 11.93
N GLU A 229 -3.24 -13.34 12.64
CA GLU A 229 -3.10 -11.90 12.38
C GLU A 229 -1.72 -11.48 12.76
N GLY A 230 -1.14 -10.55 12.02
CA GLY A 230 0.19 -10.06 12.36
C GLY A 230 0.44 -8.65 11.91
N ALA A 231 1.07 -7.87 12.79
CA ALA A 231 1.47 -6.52 12.50
C ALA A 231 2.47 -6.46 11.33
N ILE A 232 2.23 -5.56 10.38
CA ILE A 232 3.19 -5.37 9.30
C ILE A 232 3.70 -3.92 9.15
N ALA A 233 3.08 -2.98 9.85
CA ALA A 233 3.57 -1.61 9.87
C ALA A 233 3.15 -0.94 11.19
N VAL A 234 4.10 -0.24 11.79
CA VAL A 234 3.94 0.58 13.00
C VAL A 234 4.17 2.03 12.55
N LEU A 235 3.24 2.91 12.89
CA LEU A 235 3.30 4.30 12.47
C LEU A 235 2.96 5.30 13.56
N PRO A 236 3.97 5.74 14.31
CA PRO A 236 3.72 6.88 15.19
C PRO A 236 3.17 8.04 14.39
N LEU A 237 2.20 8.74 14.98
CA LEU A 237 1.56 9.88 14.37
C LEU A 237 2.06 11.16 15.03
N ALA A 238 2.86 11.94 14.28
CA ALA A 238 3.42 13.19 14.78
C ALA A 238 2.47 14.34 14.50
N ASP A 239 2.13 15.08 15.53
CA ASP A 239 1.24 16.22 15.44
C ASP A 239 2.05 17.44 15.00
N LEU A 240 1.90 17.81 13.74
CA LEU A 240 2.66 18.91 13.20
C LEU A 240 2.29 20.28 13.77
N LEU A 241 1.20 20.35 14.53
CA LEU A 241 0.84 21.59 15.21
C LEU A 241 1.66 21.74 16.50
N ASP A 242 2.37 20.68 16.90
CA ASP A 242 3.29 20.71 18.05
C ASP A 242 4.70 20.81 17.45
N ILE A 243 5.35 21.94 17.67
CA ILE A 243 6.70 22.19 17.16
C ILE A 243 7.60 21.02 17.49
N GLN A 244 7.44 20.46 18.69
CA GLN A 244 8.30 19.36 19.13
C GLN A 244 8.10 18.01 18.40
N GLN A 245 7.04 17.90 17.63
CA GLN A 245 6.77 16.71 16.87
C GLN A 245 7.13 16.85 15.37
N ASN A 246 7.72 17.97 14.97
N ASN A 246 7.69 18.00 15.03
CA ASN A 246 8.19 18.15 13.58
CA ASN A 246 8.22 18.23 13.70
C ASN A 246 9.62 17.61 13.52
C ASN A 246 9.63 17.63 13.76
N ILE A 247 9.71 16.30 13.66
CA ILE A 247 10.98 15.59 13.75
C ILE A 247 11.41 15.05 12.41
N SER A 248 12.70 14.77 12.33
CA SER A 248 13.27 14.21 11.12
C SER A 248 12.72 12.83 10.80
N PRO A 249 12.48 12.55 9.50
CA PRO A 249 12.16 11.16 9.16
C PRO A 249 13.29 10.24 9.60
N GLY A 250 12.97 9.00 9.91
CA GLY A 250 13.93 8.06 10.47
C GLY A 250 14.11 6.78 9.73
N CYS A 251 14.55 5.75 10.42
CA CYS A 251 14.81 4.47 9.79
C CYS A 251 13.49 3.75 9.60
N THR A 252 13.03 3.67 8.36
CA THR A 252 11.73 3.07 8.10
C THR A 252 11.73 1.56 7.95
N ALA A 253 12.91 0.97 7.79
CA ALA A 253 12.99 -0.44 7.52
C ALA A 253 14.25 -1.05 8.09
N LEU A 254 14.14 -2.27 8.58
CA LEU A 254 15.30 -3.01 9.08
C LEU A 254 15.33 -4.37 8.40
N PRO A 255 16.52 -4.96 8.32
CA PRO A 255 16.63 -6.28 7.72
C PRO A 255 16.23 -7.41 8.62
N SER A 256 15.72 -8.46 7.99
CA SER A 256 15.53 -9.76 8.64
C SER A 256 16.71 -10.62 8.17
N ALA A 257 16.77 -11.87 8.62
CA ALA A 257 17.73 -12.83 8.12
C ALA A 257 17.35 -13.23 6.69
N THR A 258 18.25 -13.95 6.05
CA THR A 258 18.05 -14.54 4.73
C THR A 258 18.08 -16.04 4.96
N GLU A 259 16.99 -16.70 4.66
CA GLU A 259 16.85 -18.13 4.91
C GLU A 259 16.96 -18.96 3.63
N THR A 260 18.04 -19.71 3.49
CA THR A 260 18.22 -20.54 2.33
C THR A 260 17.99 -22.03 2.65
N ASN A 261 17.89 -22.41 3.92
N ASN A 261 17.89 -22.34 3.93
CA ASN A 261 17.73 -23.83 4.29
CA ASN A 261 17.70 -23.69 4.40
C ASN A 261 16.28 -24.23 4.62
C ASN A 261 16.24 -23.89 4.79
N TYR A 262 15.34 -23.76 3.82
CA TYR A 262 13.92 -24.00 4.09
C TYR A 262 13.55 -25.45 3.70
N PRO A 263 12.57 -26.03 4.41
CA PRO A 263 12.13 -27.37 4.09
C PRO A 263 11.13 -27.31 2.96
N GLN A 264 10.62 -28.46 2.57
CA GLN A 264 9.59 -28.48 1.54
C GLN A 264 8.30 -28.15 2.28
N VAL A 265 7.67 -27.04 1.87
CA VAL A 265 6.47 -26.54 2.54
C VAL A 265 5.28 -26.77 1.63
N PRO A 266 4.36 -27.66 2.02
CA PRO A 266 3.18 -27.94 1.18
C PRO A 266 2.33 -26.74 0.83
N ASP A 267 1.69 -26.80 -0.34
CA ASP A 267 0.78 -25.76 -0.71
C ASP A 267 -0.24 -25.60 0.40
N GLY A 268 -0.61 -24.35 0.68
CA GLY A 268 -1.59 -24.06 1.74
C GLY A 268 -0.93 -23.72 3.06
N GLU A 269 0.32 -24.15 3.22
CA GLU A 269 1.06 -23.91 4.45
C GLU A 269 2.15 -22.86 4.27
N LEU A 270 2.35 -22.42 3.03
CA LEU A 270 3.44 -21.53 2.72
C LEU A 270 3.25 -20.09 3.18
N LEU A 271 2.04 -19.56 3.10
CA LEU A 271 1.77 -18.18 3.54
C LEU A 271 2.17 -17.99 5.02
N LYS A 272 1.68 -18.83 5.92
CA LYS A 272 1.99 -18.64 7.34
C LYS A 272 3.46 -18.94 7.63
N TYR A 273 3.98 -19.99 6.99
CA TYR A 273 5.39 -20.28 7.10
C TYR A 273 6.18 -19.00 6.73
N PHE A 274 5.84 -18.41 5.59
CA PHE A 274 6.58 -17.24 5.12
C PHE A 274 6.48 -16.04 6.08
N HIS A 275 5.31 -15.80 6.61
CA HIS A 275 5.15 -14.68 7.54
C HIS A 275 5.96 -14.92 8.81
N HIS A 276 5.96 -16.15 9.32
CA HIS A 276 6.72 -16.45 10.51
C HIS A 276 8.21 -16.63 10.28
N HIS A 277 8.62 -16.65 9.01
CA HIS A 277 10.02 -16.75 8.66
C HIS A 277 10.56 -15.47 8.01
N THR A 278 9.86 -14.36 8.25
CA THR A 278 10.31 -13.04 7.84
C THR A 278 10.30 -12.12 9.06
N GLN A 279 10.25 -12.69 10.24
CA GLN A 279 10.25 -11.86 11.41
C GLN A 279 11.62 -11.31 11.77
N ILE A 280 11.58 -10.28 12.60
CA ILE A 280 12.74 -9.72 13.21
C ILE A 280 12.68 -10.08 14.69
N SER A 281 13.85 -10.40 15.24
CA SER A 281 13.97 -10.75 16.66
C SER A 281 14.88 -9.78 17.42
N ALA A 282 14.82 -9.84 18.75
CA ALA A 282 15.68 -8.99 19.58
C ALA A 282 17.13 -9.19 19.19
N SER A 283 17.91 -8.13 19.31
CA SER A 283 19.31 -8.17 18.94
C SER A 283 20.14 -8.87 20.04
N ILE A 284 21.07 -9.72 19.61
CA ILE A 284 21.98 -10.45 20.53
C ILE A 284 22.93 -9.42 21.17
N THR A 285 23.41 -8.50 20.32
CA THR A 285 24.29 -7.41 20.74
C THR A 285 23.49 -6.08 20.78
N GLY A 286 23.58 -5.30 19.70
CA GLY A 286 22.89 -4.02 19.58
C GLY A 286 22.80 -3.57 18.13
N LEU A 299 22.34 8.36 -6.46
CA LEU A 299 21.30 9.35 -6.79
C LEU A 299 21.07 9.41 -8.30
N GLU A 300 21.08 8.24 -8.94
N GLU A 300 21.06 8.23 -8.93
CA GLU A 300 20.85 8.13 -10.38
CA GLU A 300 20.82 8.12 -10.36
C GLU A 300 19.86 7.00 -10.57
C GLU A 300 19.75 7.07 -10.49
N ASP A 301 19.00 7.11 -11.57
CA ASP A 301 18.03 6.05 -11.84
C ASP A 301 18.82 4.80 -12.24
N LYS A 302 18.33 3.63 -11.84
CA LYS A 302 19.05 2.38 -12.05
C LYS A 302 19.41 2.06 -13.48
N TYR A 303 18.47 2.23 -14.42
CA TYR A 303 18.72 1.86 -15.82
C TYR A 303 18.94 3.08 -16.71
N ASN A 304 20.15 3.28 -17.18
CA ASN A 304 20.42 4.44 -17.97
C ASN A 304 19.74 4.39 -19.34
N PHE A 305 19.71 3.20 -19.96
CA PHE A 305 19.22 3.08 -21.37
C PHE A 305 19.70 4.29 -22.20
N PRO A 306 21.04 4.48 -22.26
CA PRO A 306 21.57 5.74 -22.84
C PRO A 306 21.34 5.95 -24.34
N PHE A 307 21.13 4.86 -25.08
CA PHE A 307 20.94 4.96 -26.50
C PHE A 307 19.50 4.78 -26.92
N CYS A 308 18.59 4.90 -25.97
CA CYS A 308 17.15 4.82 -26.20
C CYS A 308 16.55 6.22 -26.21
N LEU A 309 15.45 6.37 -26.94
CA LEU A 309 14.72 7.61 -27.00
C LEU A 309 14.23 8.04 -25.62
N LYS A 310 14.54 9.27 -25.24
N LYS A 310 14.52 9.28 -25.30
CA LYS A 310 14.09 9.78 -23.94
CA LYS A 310 14.13 9.89 -24.04
C LYS A 310 13.20 11.01 -24.13
C LYS A 310 13.07 10.96 -24.26
N ILE A 311 12.17 11.08 -23.28
CA ILE A 311 11.12 12.06 -23.33
C ILE A 311 10.95 12.60 -21.91
N SER A 312 10.99 13.91 -21.73
CA SER A 312 10.82 14.48 -20.40
C SER A 312 9.38 14.29 -19.91
N THR A 313 9.24 14.04 -18.62
CA THR A 313 7.95 13.94 -17.98
C THR A 313 7.71 15.11 -17.01
N VAL A 314 8.58 16.13 -17.03
CA VAL A 314 8.40 17.29 -16.15
C VAL A 314 7.01 17.87 -16.33
N SER A 315 6.30 18.05 -15.20
CA SER A 315 4.91 18.43 -15.20
C SER A 315 4.54 19.53 -14.23
N ALA A 316 3.50 20.30 -14.59
CA ALA A 316 2.84 21.23 -13.66
C ALA A 316 2.13 20.30 -12.67
N PRO A 317 1.95 20.75 -11.41
CA PRO A 317 1.35 19.87 -10.39
C PRO A 317 -0.16 19.80 -10.46
N ILE A 318 -0.72 18.71 -9.96
CA ILE A 318 -2.16 18.58 -9.81
C ILE A 318 -2.58 19.54 -8.72
N TYR A 319 -3.63 20.31 -8.96
CA TYR A 319 -4.17 21.25 -7.97
C TYR A 319 -5.24 20.53 -7.17
N TRP A 320 -5.02 20.43 -5.86
CA TRP A 320 -5.93 19.69 -4.98
C TRP A 320 -6.98 20.53 -4.25
N GLY A 321 -7.18 21.79 -4.69
CA GLY A 321 -8.17 22.67 -4.08
C GLY A 321 -7.68 23.38 -2.85
N GLU A 322 -8.45 24.36 -2.41
CA GLU A 322 -8.09 25.09 -1.22
C GLU A 322 -8.11 24.14 -0.02
N ASN A 323 -7.07 24.19 0.79
CA ASN A 323 -6.89 23.35 1.96
C ASN A 323 -7.11 21.86 1.66
N LEU A 324 -6.66 21.43 0.49
CA LEU A 324 -6.77 20.03 0.08
C LEU A 324 -8.20 19.49 -0.03
N SER A 325 -9.16 20.38 -0.22
CA SER A 325 -10.57 20.04 -0.34
C SER A 325 -10.87 19.02 -1.45
N ASP A 326 -10.20 19.14 -2.60
N ASP A 326 -10.23 19.15 -2.62
CA ASP A 326 -10.46 18.23 -3.70
CA ASP A 326 -10.46 18.17 -3.69
C ASP A 326 -9.76 16.87 -3.48
C ASP A 326 -9.83 16.84 -3.36
N LEU A 327 -8.69 16.87 -2.69
CA LEU A 327 -8.03 15.64 -2.28
C LEU A 327 -9.01 14.90 -1.37
N GLU A 328 -9.65 15.62 -0.44
CA GLU A 328 -10.67 14.99 0.41
C GLU A 328 -11.82 14.38 -0.37
N ILE A 329 -12.36 15.14 -1.31
CA ILE A 329 -13.49 14.67 -2.11
C ILE A 329 -13.07 13.44 -2.93
N THR A 330 -11.89 13.51 -3.54
CA THR A 330 -11.35 12.43 -4.32
C THR A 330 -11.14 11.16 -3.48
N MSE A 331 -10.59 11.31 -2.27
CA MSE A 331 -10.39 10.17 -1.40
C MSE A 331 -11.71 9.54 -1.05
O MSE A 331 -11.84 8.32 -0.99
CB MSE A 331 -9.62 10.58 -0.16
CG MSE A 331 -8.18 10.94 -0.47
SE MSE A 331 -7.16 11.39 1.11
CE MSE A 331 -6.71 9.57 1.73
N HIS A 332 -12.72 10.38 -0.85
CA HIS A 332 -14.02 9.84 -0.49
C HIS A 332 -14.72 9.10 -1.65
N LYS A 333 -14.61 9.62 -2.87
CA LYS A 333 -15.34 9.07 -4.03
C LYS A 333 -14.59 8.00 -4.81
N ARG A 334 -13.30 7.84 -4.50
CA ARG A 334 -12.41 6.96 -5.25
C ARG A 334 -12.95 5.55 -5.31
N ARG A 335 -13.06 5.03 -6.53
CA ARG A 335 -13.42 3.63 -6.78
C ARG A 335 -12.47 3.07 -7.84
N SER A 336 -12.27 1.75 -7.81
CA SER A 336 -11.52 1.06 -8.84
C SER A 336 -12.48 0.94 -10.03
N THR A 337 -12.05 1.42 -11.18
CA THR A 337 -12.87 1.40 -12.39
C THR A 337 -13.08 -0.03 -12.92
N ARG A 338 -14.35 -0.35 -13.20
CA ARG A 338 -14.72 -1.67 -13.67
C ARG A 338 -14.28 -1.94 -15.09
N ALA A 339 -14.36 -0.92 -15.94
CA ALA A 339 -14.07 -1.08 -17.36
C ALA A 339 -13.72 0.26 -17.98
N TYR A 340 -12.87 0.22 -19.01
CA TYR A 340 -12.47 1.40 -19.76
C TYR A 340 -13.18 1.43 -21.09
N ASN A 341 -13.30 2.63 -21.66
CA ASN A 341 -13.91 2.78 -23.00
C ASN A 341 -12.89 2.69 -24.13
N GLY A 342 -11.61 2.55 -23.79
CA GLY A 342 -10.55 2.45 -24.78
C GLY A 342 -10.04 3.80 -25.28
N GLU A 343 -10.61 4.90 -24.80
CA GLU A 343 -10.14 6.21 -25.23
C GLU A 343 -8.77 6.51 -24.64
N GLU A 344 -8.10 7.49 -25.24
CA GLU A 344 -6.74 7.86 -24.85
C GLU A 344 -6.64 8.83 -23.68
N LEU A 345 -5.49 8.76 -22.99
CA LEU A 345 -5.10 9.80 -22.05
C LEU A 345 -4.30 10.82 -22.86
N THR A 346 -4.24 12.04 -22.38
CA THR A 346 -3.32 13.00 -22.95
C THR A 346 -1.96 12.78 -22.28
N PHE A 347 -0.89 13.23 -22.93
CA PHE A 347 0.42 13.07 -22.31
C PHE A 347 0.47 13.91 -21.02
N ASP A 348 -0.13 15.10 -21.05
CA ASP A 348 -0.20 15.90 -19.82
C ASP A 348 -0.89 15.16 -18.65
N GLU A 349 -1.93 14.38 -18.95
CA GLU A 349 -2.60 13.60 -17.92
C GLU A 349 -1.63 12.56 -17.34
N LEU A 350 -0.94 11.83 -18.21
CA LEU A 350 0.02 10.84 -17.75
C LEU A 350 1.10 11.52 -16.91
N LYS A 351 1.65 12.62 -17.41
CA LYS A 351 2.70 13.34 -16.66
C LYS A 351 2.20 13.78 -15.28
N ALA A 352 0.96 14.26 -15.20
CA ALA A 352 0.40 14.73 -13.92
C ALA A 352 0.31 13.56 -12.92
N LEU A 353 -0.15 12.38 -13.39
CA LEU A 353 -0.23 11.18 -12.54
C LEU A 353 1.15 10.83 -11.98
N LEU A 354 2.16 10.83 -12.85
CA LEU A 354 3.52 10.49 -12.44
C LEU A 354 4.08 11.53 -11.47
N ASP A 355 3.73 12.79 -11.70
CA ASP A 355 4.23 13.87 -10.85
C ASP A 355 3.72 13.73 -9.42
N PHE A 356 2.43 13.47 -9.27
CA PHE A 356 1.85 13.35 -7.95
C PHE A 356 2.38 12.09 -7.24
N THR A 357 2.59 11.03 -8.01
CA THR A 357 2.98 9.76 -7.43
C THR A 357 4.45 9.74 -7.03
N TYR A 358 5.32 10.21 -7.94
CA TYR A 358 6.77 10.16 -7.77
C TYR A 358 7.53 11.43 -7.41
N GLN A 359 6.85 12.59 -7.49
CA GLN A 359 7.46 13.90 -7.27
C GLN A 359 6.73 14.68 -6.18
N PRO A 360 6.64 14.07 -4.98
CA PRO A 360 5.90 14.71 -3.89
C PRO A 360 6.47 16.07 -3.50
N GLN A 361 7.74 16.32 -3.80
CA GLN A 361 8.37 17.61 -3.51
C GLN A 361 7.70 18.76 -4.25
N ASN A 362 6.96 18.44 -5.31
CA ASN A 362 6.22 19.42 -6.07
C ASN A 362 4.87 19.81 -5.46
N TYR A 363 4.56 19.28 -4.28
CA TYR A 363 3.29 19.50 -3.59
C TYR A 363 3.45 20.14 -2.21
N ILE A 364 4.66 20.61 -1.87
CA ILE A 364 4.89 21.21 -0.58
C ILE A 364 4.02 22.47 -0.38
N ASP A 365 3.79 23.23 -1.44
CA ASP A 365 2.99 24.44 -1.34
C ASP A 365 1.49 24.17 -1.16
N GLN A 366 1.09 22.91 -1.25
CA GLN A 366 -0.30 22.49 -1.00
C GLN A 366 -0.41 21.73 0.34
N SER A 367 0.63 21.82 1.16
N SER A 367 0.63 21.83 1.15
CA SER A 367 0.65 21.21 2.50
CA SER A 367 0.70 21.23 2.50
C SER A 367 0.78 19.69 2.50
C SER A 367 0.84 19.71 2.52
N LEU A 368 1.34 19.13 1.43
CA LEU A 368 1.64 17.70 1.37
C LEU A 368 3.12 17.53 1.70
N ASP A 369 3.49 16.34 2.15
CA ASP A 369 4.86 16.06 2.51
C ASP A 369 5.75 15.98 1.27
N ASN A 370 6.89 16.66 1.32
CA ASN A 370 7.83 16.61 0.20
C ASN A 370 8.53 15.25 0.11
N SER A 371 8.53 14.49 1.20
CA SER A 371 9.17 13.17 1.19
C SER A 371 8.49 12.22 2.19
N PRO A 372 7.31 11.74 1.84
CA PRO A 372 6.60 10.82 2.73
C PRO A 372 7.41 9.53 2.88
N ASP A 373 7.25 8.86 4.01
CA ASP A 373 8.01 7.66 4.25
C ASP A 373 7.51 6.49 3.38
N TYR A 374 8.49 5.78 2.85
CA TYR A 374 8.34 4.47 2.24
C TYR A 374 9.37 3.60 2.95
N PHE A 375 9.32 2.29 2.71
CA PHE A 375 10.31 1.37 3.28
C PHE A 375 11.61 1.54 2.53
N ASP A 376 11.59 1.33 1.21
CA ASP A 376 12.76 1.62 0.40
C ASP A 376 12.43 1.66 -1.08
N LEU A 377 12.11 2.85 -1.58
CA LEU A 377 11.81 3.02 -3.01
C LEU A 377 12.97 2.77 -3.93
N ASN A 378 14.19 2.79 -3.39
CA ASN A 378 15.32 2.48 -4.22
C ASN A 378 15.29 1.05 -4.78
N LEU A 379 14.44 0.19 -4.21
CA LEU A 379 14.34 -1.19 -4.62
C LEU A 379 13.29 -1.42 -5.73
N ILE A 380 12.52 -0.39 -6.04
CA ILE A 380 11.41 -0.54 -6.98
C ILE A 380 11.67 0.25 -8.26
N GLU A 381 11.47 -0.41 -9.38
CA GLU A 381 11.58 0.22 -10.68
C GLU A 381 10.18 0.31 -11.29
N THR A 382 10.03 1.25 -12.24
CA THR A 382 8.76 1.52 -12.86
C THR A 382 8.91 1.42 -14.38
N PHE A 383 8.07 0.60 -15.00
CA PHE A 383 7.99 0.47 -16.47
C PHE A 383 6.56 0.73 -16.87
N ILE A 384 6.37 1.41 -18.00
CA ILE A 384 5.05 1.75 -18.44
C ILE A 384 4.77 1.24 -19.83
N ALA A 385 3.74 0.43 -19.97
CA ALA A 385 3.26 0.03 -21.28
C ALA A 385 2.24 1.10 -21.70
N VAL A 386 2.52 1.77 -22.81
CA VAL A 386 1.65 2.82 -23.33
C VAL A 386 0.94 2.33 -24.58
N CYS A 387 -0.38 2.32 -24.56
CA CYS A 387 -1.17 1.92 -25.72
C CYS A 387 -1.98 3.03 -26.30
N GLY A 388 -2.39 4.00 -25.47
CA GLY A 388 -3.22 5.11 -25.91
C GLY A 388 -2.99 6.39 -25.17
N VAL A 389 -1.83 7.01 -25.38
CA VAL A 389 -1.51 8.28 -24.77
C VAL A 389 -1.19 9.20 -25.92
N GLN A 390 -2.04 10.21 -26.13
N GLN A 390 -1.98 10.26 -26.03
CA GLN A 390 -1.78 11.06 -27.29
CA GLN A 390 -1.81 11.23 -27.12
C GLN A 390 -0.44 11.77 -27.11
C GLN A 390 -0.43 11.83 -27.08
N GLY A 391 0.29 11.81 -28.21
CA GLY A 391 1.61 12.39 -28.23
C GLY A 391 2.72 11.47 -27.80
N LEU A 392 2.40 10.22 -27.47
CA LEU A 392 3.41 9.28 -27.09
C LEU A 392 3.24 8.03 -27.96
N GLU A 393 4.32 7.57 -28.60
CA GLU A 393 4.26 6.33 -29.36
C GLU A 393 3.87 5.15 -28.45
N ALA A 394 3.06 4.23 -28.97
CA ALA A 394 2.72 3.04 -28.23
C ALA A 394 3.95 2.15 -28.12
N GLY A 395 4.19 1.67 -26.91
CA GLY A 395 5.32 0.79 -26.63
C GLY A 395 5.53 0.67 -25.15
N CYS A 396 6.76 0.33 -24.78
CA CYS A 396 7.13 0.17 -23.39
C CYS A 396 8.23 1.16 -23.09
N TYR A 397 8.11 1.80 -21.93
CA TYR A 397 9.04 2.82 -21.48
C TYR A 397 9.49 2.55 -20.07
N TYR A 398 10.78 2.70 -19.83
CA TYR A 398 11.27 2.76 -18.46
C TYR A 398 10.98 4.17 -17.94
N TYR A 399 10.47 4.28 -16.73
CA TYR A 399 10.27 5.59 -16.14
C TYR A 399 11.41 5.82 -15.12
N ALA A 400 12.17 6.89 -15.37
CA ALA A 400 13.32 7.32 -14.56
C ALA A 400 12.84 8.51 -13.70
N PRO A 401 12.42 8.24 -12.47
CA PRO A 401 11.85 9.35 -11.69
C PRO A 401 12.82 10.43 -11.26
N LYS A 402 14.08 10.10 -11.06
CA LYS A 402 15.05 11.12 -10.67
C LYS A 402 15.31 12.06 -11.84
N ALA A 403 15.52 11.50 -13.02
CA ALA A 403 15.71 12.30 -14.21
C ALA A 403 14.43 12.91 -14.79
N GLN A 404 13.30 12.36 -14.37
CA GLN A 404 11.99 12.68 -14.93
C GLN A 404 11.97 12.46 -16.43
N GLU A 405 12.21 11.22 -16.80
CA GLU A 405 12.18 10.82 -18.19
C GLU A 405 11.53 9.47 -18.39
N LEU A 406 10.91 9.32 -19.57
CA LEU A 406 10.49 8.03 -20.08
C LEU A 406 11.57 7.67 -21.10
N ARG A 407 12.05 6.43 -21.04
CA ARG A 407 13.06 5.94 -21.99
C ARG A 407 12.42 4.77 -22.74
N GLN A 408 12.24 4.92 -24.05
CA GLN A 408 11.53 3.89 -24.87
C GLN A 408 12.40 2.67 -25.06
N ILE A 409 11.91 1.53 -24.60
CA ILE A 409 12.64 0.27 -24.71
C ILE A 409 11.99 -0.69 -25.71
N ARG A 410 10.72 -0.47 -26.08
CA ARG A 410 10.08 -1.23 -27.13
C ARG A 410 9.04 -0.33 -27.82
N PHE A 411 8.86 -0.58 -29.11
CA PHE A 411 7.92 0.11 -29.95
C PHE A 411 6.96 -0.94 -30.50
N LYS A 412 5.73 -0.91 -30.01
CA LYS A 412 4.72 -1.90 -30.35
C LYS A 412 3.38 -1.55 -29.70
N ASN A 413 2.28 -1.98 -30.33
CA ASN A 413 0.94 -1.90 -29.73
C ASN A 413 0.79 -3.17 -28.88
N PHE A 414 0.73 -3.02 -27.57
CA PHE A 414 0.71 -4.13 -26.63
C PHE A 414 -0.69 -4.54 -26.09
N ARG A 415 -1.76 -4.00 -26.67
CA ARG A 415 -3.10 -4.25 -26.11
C ARG A 415 -3.42 -5.73 -25.97
N ARG A 416 -3.19 -6.49 -27.03
CA ARG A 416 -3.50 -7.93 -27.02
C ARG A 416 -2.70 -8.66 -25.96
N GLU A 417 -1.43 -8.30 -25.89
N GLU A 417 -1.41 -8.36 -25.86
CA GLU A 417 -0.52 -8.86 -24.93
CA GLU A 417 -0.58 -9.01 -24.86
C GLU A 417 -0.92 -8.56 -23.50
C GLU A 417 -0.89 -8.56 -23.43
N LEU A 418 -1.25 -7.30 -23.23
CA LEU A 418 -1.62 -6.86 -21.88
C LEU A 418 -2.92 -7.52 -21.43
N HIS A 419 -3.81 -7.72 -22.38
CA HIS A 419 -5.06 -8.41 -22.13
C HIS A 419 -4.73 -9.80 -21.55
N PHE A 420 -3.83 -10.52 -22.22
CA PHE A 420 -3.38 -11.84 -21.77
C PHE A 420 -2.64 -11.79 -20.45
N LEU A 421 -1.65 -10.89 -20.38
CA LEU A 421 -0.82 -10.78 -19.20
C LEU A 421 -1.61 -10.51 -17.90
N CYS A 422 -2.68 -9.72 -18.01
CA CYS A 422 -3.53 -9.39 -16.86
C CYS A 422 -4.60 -10.47 -16.62
N LEU A 423 -4.24 -11.71 -16.88
CA LEU A 423 -5.14 -12.88 -16.72
C LEU A 423 -6.43 -12.75 -17.51
N GLY A 424 -6.33 -12.17 -18.71
CA GLY A 424 -7.48 -12.06 -19.57
C GLY A 424 -8.42 -10.93 -19.30
N GLN A 425 -8.02 -9.99 -18.46
CA GLN A 425 -8.90 -8.88 -18.12
C GLN A 425 -8.90 -7.78 -19.18
N GLU A 426 -10.10 -7.34 -19.56
CA GLU A 426 -10.27 -6.25 -20.52
C GLU A 426 -9.65 -4.96 -20.01
N LEU A 427 -9.51 -4.81 -18.70
CA LEU A 427 -8.81 -3.64 -18.17
C LEU A 427 -7.43 -3.51 -18.80
N GLY A 428 -6.72 -4.62 -18.96
CA GLY A 428 -5.37 -4.60 -19.60
C GLY A 428 -5.45 -4.29 -21.09
N ARG A 429 -6.48 -4.81 -21.77
CA ARG A 429 -6.62 -4.54 -23.18
C ARG A 429 -6.96 -3.09 -23.48
N ASP A 430 -7.86 -2.50 -22.67
CA ASP A 430 -8.45 -1.19 -22.96
C ASP A 430 -7.80 0.01 -22.28
N ALA A 431 -6.88 -0.27 -21.37
CA ALA A 431 -6.11 0.77 -20.72
C ALA A 431 -5.37 1.65 -21.74
N ALA A 432 -5.23 2.92 -21.39
CA ALA A 432 -4.41 3.87 -22.13
C ALA A 432 -2.94 3.59 -21.79
N ALA A 433 -2.67 3.28 -20.52
CA ALA A 433 -1.31 2.98 -20.04
C ALA A 433 -1.41 2.02 -18.87
N VAL A 434 -0.37 1.23 -18.71
CA VAL A 434 -0.31 0.23 -17.65
C VAL A 434 1.05 0.37 -16.97
N ILE A 435 1.02 0.67 -15.67
CA ILE A 435 2.25 0.86 -14.90
C ILE A 435 2.66 -0.41 -14.13
N PHE A 436 3.88 -0.87 -14.38
CA PHE A 436 4.46 -2.05 -13.75
C PHE A 436 5.50 -1.65 -12.73
N HIS A 437 5.30 -2.08 -11.48
CA HIS A 437 6.28 -1.90 -10.45
C HIS A 437 7.05 -3.21 -10.36
N THR A 438 8.37 -3.10 -10.37
CA THR A 438 9.22 -4.27 -10.37
C THR A 438 10.34 -4.14 -9.35
N SER A 439 10.98 -5.26 -9.07
CA SER A 439 12.13 -5.29 -8.19
C SER A 439 13.05 -6.47 -8.48
N ASP A 440 14.35 -6.23 -8.43
CA ASP A 440 15.31 -7.29 -8.45
C ASP A 440 15.29 -7.90 -7.06
N LEU A 441 14.59 -9.01 -6.92
CA LEU A 441 14.42 -9.63 -5.58
C LEU A 441 15.71 -10.06 -4.92
N LYS A 442 16.64 -10.63 -5.67
CA LYS A 442 17.91 -11.08 -5.10
C LYS A 442 18.64 -9.90 -4.46
N SER A 443 18.68 -8.78 -5.17
N SER A 443 18.69 -8.77 -5.17
CA SER A 443 19.34 -7.60 -4.68
CA SER A 443 19.32 -7.56 -4.68
C SER A 443 18.62 -7.04 -3.45
C SER A 443 18.61 -6.98 -3.46
N ALA A 444 17.28 -7.00 -3.50
CA ALA A 444 16.48 -6.52 -2.39
C ALA A 444 16.73 -7.36 -1.13
N ILE A 445 16.76 -8.68 -1.30
CA ILE A 445 16.98 -9.63 -0.18
C ILE A 445 18.38 -9.43 0.39
N ALA A 446 19.33 -9.12 -0.48
CA ALA A 446 20.71 -8.89 -0.05
C ALA A 446 20.78 -7.73 0.92
N GLN A 447 19.87 -6.78 0.78
CA GLN A 447 19.84 -5.62 1.64
C GLN A 447 18.97 -5.76 2.89
N TYR A 448 17.79 -6.37 2.79
CA TYR A 448 16.86 -6.41 3.92
C TYR A 448 16.40 -7.80 4.33
N GLY A 449 17.03 -8.82 3.76
CA GLY A 449 16.63 -10.18 4.03
C GLY A 449 15.28 -10.51 3.42
N ASP A 450 14.73 -11.67 3.78
CA ASP A 450 13.47 -12.12 3.20
C ASP A 450 12.30 -11.22 3.51
N ARG A 451 12.37 -10.52 4.65
CA ARG A 451 11.32 -9.56 5.03
C ARG A 451 11.16 -8.44 4.02
N VAL A 452 12.16 -8.22 3.15
CA VAL A 452 12.05 -7.19 2.13
C VAL A 452 10.82 -7.42 1.25
N TYR A 453 10.36 -8.67 1.16
CA TYR A 453 9.19 -8.99 0.35
C TYR A 453 7.99 -8.17 0.82
N ARG A 454 7.82 -8.07 2.14
CA ARG A 454 6.74 -7.23 2.69
C ARG A 454 6.91 -5.77 2.25
N TYR A 455 8.13 -5.28 2.39
CA TYR A 455 8.46 -3.89 2.12
C TYR A 455 8.18 -3.52 0.69
N LEU A 456 8.57 -4.40 -0.22
CA LEU A 456 8.39 -4.14 -1.64
C LEU A 456 6.92 -3.98 -2.02
N HIS A 457 6.10 -4.91 -1.54
CA HIS A 457 4.69 -4.96 -1.88
C HIS A 457 3.96 -3.79 -1.21
N MSE A 458 4.32 -3.48 0.04
CA MSE A 458 3.70 -2.31 0.69
C MSE A 458 4.09 -1.02 -0.04
O MSE A 458 3.24 -0.16 -0.27
CB MSE A 458 4.04 -2.24 2.17
CG MSE A 458 3.26 -3.29 2.97
SE MSE A 458 3.51 -3.10 4.89
CE MSE A 458 5.28 -3.80 5.07
N ASP A 459 5.34 -0.88 -0.45
CA ASP A 459 5.74 0.33 -1.18
C ASP A 459 5.01 0.45 -2.52
N ALA A 460 4.87 -0.66 -3.26
CA ALA A 460 4.16 -0.66 -4.52
C ALA A 460 2.70 -0.26 -4.35
N GLY A 461 2.06 -0.78 -3.30
CA GLY A 461 0.68 -0.39 -3.00
C GLY A 461 0.55 1.08 -2.63
N HIS A 462 1.55 1.61 -1.92
CA HIS A 462 1.59 3.01 -1.53
C HIS A 462 1.69 3.89 -2.81
N LEU A 463 2.63 3.59 -3.68
CA LEU A 463 2.70 4.26 -4.99
C LEU A 463 1.36 4.12 -5.72
N GLY A 464 0.84 2.90 -5.75
CA GLY A 464 -0.44 2.63 -6.38
C GLY A 464 -1.55 3.54 -5.89
N GLN A 465 -1.60 3.78 -4.58
CA GLN A 465 -2.70 4.58 -4.07
C GLN A 465 -2.59 6.03 -4.55
N ARG A 466 -1.35 6.54 -4.62
CA ARG A 466 -1.16 7.89 -5.11
C ARG A 466 -1.61 7.96 -6.57
N LEU A 467 -1.28 6.94 -7.35
CA LEU A 467 -1.70 6.89 -8.76
C LEU A 467 -3.22 6.82 -8.88
N ASN A 468 -3.86 5.97 -8.05
CA ASN A 468 -5.31 5.83 -8.08
C ASN A 468 -6.01 7.17 -7.75
N LEU A 469 -5.56 7.84 -6.70
CA LEU A 469 -6.14 9.12 -6.27
C LEU A 469 -5.93 10.19 -7.35
N ALA A 470 -4.73 10.26 -7.90
CA ALA A 470 -4.46 11.22 -8.98
C ALA A 470 -5.37 10.97 -10.18
N ALA A 471 -5.56 9.71 -10.55
CA ALA A 471 -6.39 9.35 -11.70
C ALA A 471 -7.79 9.84 -11.46
N ILE A 472 -8.36 9.51 -10.31
CA ILE A 472 -9.72 9.92 -9.98
C ILE A 472 -9.87 11.44 -9.93
N GLN A 473 -8.90 12.15 -9.37
CA GLN A 473 -8.91 13.61 -9.37
C GLN A 473 -8.99 14.20 -10.76
N LEU A 474 -8.31 13.55 -11.71
CA LEU A 474 -8.29 13.95 -13.12
C LEU A 474 -9.43 13.36 -13.97
N ASN A 475 -10.44 12.76 -13.32
CA ASN A 475 -11.62 12.21 -14.02
C ASN A 475 -11.25 11.09 -14.97
N LEU A 476 -10.24 10.33 -14.55
CA LEU A 476 -9.76 9.19 -15.31
C LEU A 476 -10.18 7.89 -14.62
N GLY A 477 -9.96 6.79 -15.31
CA GLY A 477 -10.21 5.44 -14.79
C GLY A 477 -8.91 4.80 -14.34
N VAL A 478 -9.00 3.96 -13.31
CA VAL A 478 -7.84 3.31 -12.75
C VAL A 478 -8.21 2.03 -12.03
N SER A 479 -7.32 1.04 -12.10
CA SER A 479 -7.47 -0.15 -11.31
C SER A 479 -6.17 -0.89 -11.17
N GLY A 480 -5.86 -1.32 -9.96
CA GLY A 480 -4.77 -2.23 -9.74
C GLY A 480 -5.15 -3.58 -10.32
N ILE A 481 -4.14 -4.39 -10.56
CA ILE A 481 -4.24 -5.76 -11.04
C ILE A 481 -3.24 -6.58 -10.21
N GLY A 482 -3.74 -7.48 -9.37
CA GLY A 482 -2.85 -8.23 -8.47
C GLY A 482 -2.27 -9.50 -9.04
N GLY A 483 -3.02 -10.11 -9.95
CA GLY A 483 -2.67 -11.37 -10.57
C GLY A 483 -2.33 -11.20 -12.03
N PHE A 484 -1.22 -11.81 -12.44
CA PHE A 484 -0.72 -11.66 -13.81
C PHE A 484 0.23 -12.81 -14.12
N PHE A 485 0.55 -12.98 -15.41
CA PHE A 485 1.49 -14.01 -15.81
C PHE A 485 2.91 -13.50 -15.60
N ASP A 486 3.42 -13.73 -14.38
CA ASP A 486 4.68 -13.14 -13.93
C ASP A 486 5.83 -13.20 -14.93
N ASP A 487 6.20 -14.40 -15.35
CA ASP A 487 7.39 -14.56 -16.19
C ASP A 487 7.18 -14.03 -17.58
N GLN A 488 5.95 -14.07 -18.07
CA GLN A 488 5.65 -13.65 -19.43
C GLN A 488 5.70 -12.14 -19.63
N VAL A 489 5.55 -11.38 -18.55
CA VAL A 489 5.58 -9.95 -18.66
C VAL A 489 6.91 -9.45 -19.24
N ASN A 490 8.02 -9.91 -18.67
CA ASN A 490 9.32 -9.38 -19.11
C ASN A 490 9.61 -9.56 -20.58
N GLU A 491 9.29 -10.78 -21.01
N GLU A 491 9.39 -10.77 -21.07
CA GLU A 491 9.44 -11.29 -22.36
CA GLU A 491 9.66 -11.04 -22.47
C GLU A 491 8.77 -10.38 -23.39
C GLU A 491 8.81 -10.18 -23.41
N VAL A 492 7.52 -10.03 -23.11
CA VAL A 492 6.69 -9.17 -23.96
C VAL A 492 7.16 -7.69 -23.98
N LEU A 493 7.33 -7.13 -22.79
CA LEU A 493 7.57 -5.71 -22.64
C LEU A 493 9.02 -5.26 -22.68
N GLY A 494 9.95 -6.19 -22.60
CA GLY A 494 11.38 -5.84 -22.59
C GLY A 494 11.91 -5.44 -21.22
N ILE A 495 11.17 -5.79 -20.20
CA ILE A 495 11.63 -5.50 -18.85
C ILE A 495 12.81 -6.41 -18.54
N PRO A 496 13.95 -5.86 -18.08
CA PRO A 496 15.12 -6.65 -17.76
C PRO A 496 14.76 -7.90 -16.95
N ASN A 497 15.40 -9.01 -17.31
N ASN A 497 15.35 -9.03 -17.30
CA ASN A 497 15.13 -10.31 -16.68
CA ASN A 497 14.98 -10.30 -16.64
C ASN A 497 15.21 -10.32 -15.16
C ASN A 497 15.23 -10.36 -15.13
N ASP A 498 16.12 -9.54 -14.60
CA ASP A 498 16.34 -9.52 -13.16
C ASP A 498 15.22 -8.82 -12.39
N GLU A 499 14.35 -8.12 -13.10
CA GLU A 499 13.24 -7.41 -12.48
C GLU A 499 12.00 -8.28 -12.40
N ALA A 500 11.60 -8.63 -11.19
CA ALA A 500 10.37 -9.38 -10.96
C ALA A 500 9.24 -8.36 -10.86
N VAL A 501 8.17 -8.56 -11.62
CA VAL A 501 7.00 -7.70 -11.55
C VAL A 501 6.29 -7.97 -10.22
N ILE A 502 6.06 -6.88 -9.47
CA ILE A 502 5.40 -6.89 -8.15
C ILE A 502 3.93 -6.45 -8.25
N TYR A 503 3.63 -5.46 -9.08
CA TYR A 503 2.29 -4.92 -9.13
C TYR A 503 2.05 -4.25 -10.47
N ILE A 504 0.78 -4.18 -10.84
CA ILE A 504 0.31 -3.56 -12.07
C ILE A 504 -0.81 -2.57 -11.73
N THR A 505 -0.75 -1.40 -12.35
CA THR A 505 -1.80 -0.40 -12.21
C THR A 505 -2.21 0.05 -13.63
N THR A 506 -3.47 -0.19 -13.97
CA THR A 506 -4.05 0.17 -15.25
C THR A 506 -4.66 1.56 -15.14
N LEU A 507 -4.59 2.29 -16.24
CA LEU A 507 -5.10 3.62 -16.35
C LEU A 507 -5.84 3.76 -17.68
N GLY A 508 -6.97 4.44 -17.65
CA GLY A 508 -7.78 4.61 -18.85
C GLY A 508 -8.86 5.65 -18.66
N ARG A 509 -9.85 5.62 -19.54
CA ARG A 509 -11.02 6.49 -19.39
C ARG A 509 -12.19 5.54 -19.07
N PRO A 510 -12.99 5.88 -18.07
CA PRO A 510 -14.05 4.98 -17.67
C PRO A 510 -15.10 4.75 -18.74
N ARG A 511 -15.63 3.54 -18.74
CA ARG A 511 -16.65 3.17 -19.72
C ARG A 511 -17.93 3.86 -19.28
N1 FMN B . -9.73 -5.11 -9.72
C2 FMN B . -9.87 -5.88 -10.86
O2 FMN B . -10.87 -5.76 -11.58
N3 FMN B . -8.97 -6.83 -11.24
C4 FMN B . -7.87 -7.12 -10.50
O4 FMN B . -6.99 -7.85 -10.99
C4A FMN B . -7.66 -6.36 -9.35
N5 FMN B . -6.60 -6.64 -8.52
C5A FMN B . -6.35 -5.82 -7.41
C6 FMN B . -5.22 -5.98 -6.62
C7 FMN B . -4.98 -5.18 -5.50
C7M FMN B . -3.66 -5.32 -4.72
C8 FMN B . -5.89 -4.19 -5.16
C8M FMN B . -5.60 -3.17 -4.07
C9 FMN B . -7.05 -4.00 -5.94
C9A FMN B . -7.27 -4.81 -7.06
N10 FMN B . -8.41 -4.63 -7.85
C10 FMN B . -8.59 -5.38 -8.97
C1' FMN B . -9.54 -3.74 -7.38
C2' FMN B . -10.40 -4.35 -6.29
O2' FMN B . -11.31 -5.30 -6.87
C3' FMN B . -11.13 -3.24 -5.54
O3' FMN B . -10.18 -2.44 -4.82
C4' FMN B . -12.24 -3.75 -4.61
O4' FMN B . -13.28 -4.42 -5.37
C5' FMN B . -12.83 -2.59 -3.83
O5' FMN B . -13.36 -1.60 -4.66
P FMN B . -12.85 -0.10 -4.62
O1P FMN B . -11.39 -0.09 -5.04
O2P FMN B . -13.74 0.64 -5.62
O3P FMN B . -13.02 0.45 -3.24
CA CA C . -12.89 -4.53 -10.88
CL CL D . 20.52 1.64 -24.48
CL CL E . -8.20 -2.79 30.25
CL CL E . -6.80 -3.34 31.73
C ACT F . -15.19 11.84 23.19
O ACT F . -15.97 12.08 22.25
OXT ACT F . -14.22 11.12 22.88
CH3 ACT F . -15.34 12.34 24.60
C ACT G . -9.39 -19.77 9.67
O ACT G . -8.15 -20.01 9.67
OXT ACT G . -9.76 -18.69 10.19
CH3 ACT G . -10.37 -20.74 9.06
C ACT H . 20.47 -9.99 5.77
O ACT H . 19.70 -11.00 5.74
OXT ACT H . 20.31 -9.08 4.93
CH3 ACT H . 21.58 -9.84 6.77
C ACT I . -4.03 21.97 5.68
O ACT I . -4.52 23.10 5.56
OXT ACT I . -3.29 21.79 6.68
CH3 ACT I . -4.33 20.90 4.67
C ACT J . -17.92 -4.66 18.70
O ACT J . -17.06 -4.38 17.83
OXT ACT J . -18.56 -5.72 18.52
CH3 ACT J . -18.21 -3.80 19.90
C ACT K . -8.84 12.80 -24.67
O ACT K . -9.70 11.91 -24.91
OXT ACT K . -7.75 12.67 -25.28
CH3 ACT K . -9.10 13.93 -23.72
C ACT L . -18.00 -3.22 23.42
O ACT L . -17.25 -4.21 23.28
OXT ACT L . -18.86 -3.32 24.33
CH3 ACT L . -17.89 -2.00 22.55
C ACT M . -10.96 -0.15 29.48
O ACT M . -11.14 -1.17 28.78
OXT ACT M . -11.18 0.94 28.90
CH3 ACT M . -10.52 -0.21 30.92
C ACT N . 1.21 -12.78 25.13
O ACT N . 1.50 -12.66 26.34
OXT ACT N . 0.24 -12.10 24.74
CH3 ACT N . 1.97 -13.71 24.24
C ACT O . 6.86 10.08 -28.55
O ACT O . 5.82 10.09 -29.26
OXT ACT O . 7.25 11.22 -28.19
CH3 ACT O . 7.50 8.77 -28.17
C ACT P . 16.00 -5.52 -22.47
O ACT P . 15.50 -4.35 -22.57
OXT ACT P . 15.92 -6.31 -23.47
CH3 ACT P . 16.66 -6.05 -21.24
C ACT Q . 4.95 -13.65 15.47
O ACT Q . 4.09 -12.97 16.10
OXT ACT Q . 4.95 -13.50 14.13
CH3 ACT Q . 5.71 -14.64 16.36
C1 PGR R . 10.99 -13.18 -14.77
C2 PGR R . 11.77 -13.43 -16.07
C3 PGR R . 12.39 -14.83 -16.08
O1 PGR R . 11.67 -12.20 -13.96
O2 PGR R . 10.95 -13.33 -17.25
C1 PGR S . 14.95 2.95 -28.79
C2 PGR S . 13.94 2.10 -29.58
C3 PGR S . 13.26 1.09 -28.65
O1 PGR S . 14.34 3.86 -27.88
O2 PGR S . 12.97 2.86 -30.31
#